data_4ZKQ
#
_entry.id   4ZKQ
#
_cell.length_a   69.561
_cell.length_b   75.835
_cell.length_c   106.985
_cell.angle_alpha   90.00
_cell.angle_beta   90.00
_cell.angle_gamma   90.00
#
_symmetry.space_group_name_H-M   'P 21 21 21'
#
loop_
_entity.id
_entity.type
_entity.pdbx_description
1 polymer 'Putative uncharacterized protein'
2 branched 2-acetamido-2-deoxy-beta-D-glucopyranose-(1-4)-2-acetamido-2-deoxy-beta-D-glucopyranose
3 water water
#
_entity_poly.entity_id   1
_entity_poly.type   'polypeptide(L)'
_entity_poly.pdbx_seq_one_letter_code
;GPVGEPVASEINEASKVSSRLLTQDILFRKDRQATISLPIKLPVEDIITQTCDKITYGPLKFLDLLEKETAVLPLSTDIT
CPACLGRAVLVGKWECPAHVAVNESDLTVFGPNKEEHVPQFVTVQQPSDGKMQRLFFAKFLGTEESLAVLRVPGPDGHLC
IQEALIHFKELSGAGVCSLWKANDSREEGLEMKQVDCLETTVLENQTCIATTLSKKIYHRLYCGERLMTGGQVSTRVLLT
ALGFYKRQPYTFHRVPKGMVYVHLIDSGSEDYMEYSECEEVTPGRYEDKQISYTFYTDLFQTADGEPVLASVWGTSGLKD
SAYESCAFVIPTKGRRKLVPRRIMSKCYPFRLTYHPSTMTVRLDVRVEKHHGATDQGFVFLKMESGTYSEGREYYLDRVL
WGEDSSTNNVLQHHHHHHHH
;
_entity_poly.pdbx_strand_id   A
#
loop_
_chem_comp.id
_chem_comp.type
_chem_comp.name
_chem_comp.formula
NAG D-saccharide, beta linking 2-acetamido-2-deoxy-beta-D-glucopyranose 'C8 H15 N O6'
#
# COMPACT_ATOMS: atom_id res chain seq x y z
N ALA A 14 18.59 -19.09 0.80
CA ALA A 14 18.52 -17.81 1.49
C ALA A 14 19.62 -16.87 1.00
N SER A 15 20.85 -17.37 0.99
CA SER A 15 22.02 -16.58 0.63
C SER A 15 21.96 -16.01 -0.79
N LYS A 16 21.24 -16.69 -1.67
CA LYS A 16 21.26 -16.37 -3.10
C LYS A 16 20.26 -15.30 -3.50
N VAL A 17 19.27 -15.04 -2.66
CA VAL A 17 18.26 -14.01 -2.92
C VAL A 17 18.93 -12.66 -3.13
N SER A 18 18.41 -11.86 -4.05
CA SER A 18 18.94 -10.51 -4.25
C SER A 18 18.93 -9.72 -2.95
N SER A 19 19.97 -8.94 -2.74
CA SER A 19 20.10 -8.10 -1.55
C SER A 19 19.68 -6.66 -1.84
N ARG A 20 19.17 -6.43 -3.05
CA ARG A 20 18.87 -5.08 -3.53
C ARG A 20 17.39 -4.90 -3.87
N LEU A 21 16.53 -5.63 -3.14
CA LEU A 21 15.08 -5.54 -3.32
C LEU A 21 14.44 -4.58 -2.32
N LEU A 22 13.16 -4.30 -2.49
CA LEU A 22 12.42 -3.52 -1.51
C LEU A 22 12.46 -4.20 -0.16
N THR A 23 12.45 -3.41 0.90
CA THR A 23 12.34 -3.94 2.26
C THR A 23 11.38 -3.09 3.05
N GLN A 24 10.94 -3.61 4.19
CA GLN A 24 10.02 -2.85 5.03
C GLN A 24 10.37 -2.93 6.51
N ASP A 25 10.08 -1.84 7.21
CA ASP A 25 10.08 -1.80 8.66
C ASP A 25 8.65 -1.66 9.16
N ILE A 26 8.32 -2.38 10.23
CA ILE A 26 7.12 -2.05 11.00
C ILE A 26 7.52 -1.01 12.04
N LEU A 27 6.75 0.06 12.14
CA LEU A 27 7.10 1.17 13.02
C LEU A 27 6.25 1.10 14.28
N PHE A 28 6.62 1.88 15.28
CA PHE A 28 5.88 1.93 16.53
C PHE A 28 5.65 3.39 16.91
N ARG A 29 4.64 4.02 16.31
CA ARG A 29 4.45 5.44 16.56
C ARG A 29 3.79 5.66 17.93
N LYS A 30 4.10 6.80 18.51
CA LYS A 30 3.69 7.16 19.86
C LYS A 30 2.19 7.38 19.95
N ASP A 31 1.63 8.00 18.92
CA ASP A 31 0.21 8.39 18.89
C ASP A 31 -0.48 7.85 17.64
N ARG A 32 -1.23 6.77 17.83
CA ARG A 32 -1.90 6.11 16.71
C ARG A 32 -3.14 6.87 16.23
N GLN A 33 -3.42 8.01 16.87
N GLN A 33 -3.43 8.01 16.86
CA GLN A 33 -4.51 8.89 16.46
CA GLN A 33 -4.52 8.87 16.43
C GLN A 33 -3.99 10.07 15.65
C GLN A 33 -3.99 10.08 15.65
N ALA A 34 -2.67 10.21 15.57
CA ALA A 34 -2.06 11.33 14.86
C ALA A 34 -2.38 11.26 13.38
N THR A 35 -2.47 12.43 12.75
CA THR A 35 -2.83 12.53 11.34
C THR A 35 -1.95 13.56 10.64
N ILE A 36 -1.90 13.47 9.31
CA ILE A 36 -1.18 14.45 8.51
C ILE A 36 -2.04 15.69 8.33
N SER A 37 -1.48 16.84 8.65
CA SER A 37 -2.16 18.12 8.50
C SER A 37 -1.74 18.79 7.19
N LEU A 38 -2.70 19.27 6.41
CA LEU A 38 -2.39 20.06 5.21
C LEU A 38 -2.71 21.54 5.45
N PRO A 39 -1.88 22.44 4.90
CA PRO A 39 -0.72 22.09 4.08
C PRO A 39 0.42 21.53 4.92
N ILE A 40 1.30 20.76 4.30
CA ILE A 40 2.42 20.15 4.98
C ILE A 40 3.27 21.22 5.69
N LYS A 41 3.58 20.97 6.96
CA LYS A 41 4.41 21.89 7.74
C LYS A 41 5.48 21.15 8.52
N LEU A 42 5.69 19.87 8.18
CA LEU A 42 6.67 19.02 8.85
C LEU A 42 7.63 18.42 7.84
N PRO A 43 8.88 18.18 8.25
CA PRO A 43 9.76 17.44 7.33
C PRO A 43 9.27 16.00 7.15
N VAL A 44 9.71 15.36 6.08
CA VAL A 44 9.33 13.99 5.76
C VAL A 44 9.51 13.03 6.93
N GLU A 45 10.66 13.11 7.61
CA GLU A 45 10.98 12.12 8.64
C GLU A 45 10.06 12.28 9.84
N ASP A 46 9.61 13.50 10.10
CA ASP A 46 8.68 13.75 11.19
C ASP A 46 7.29 13.26 10.83
N ILE A 47 6.88 13.46 9.57
CA ILE A 47 5.63 12.90 9.09
C ILE A 47 5.64 11.40 9.32
N ILE A 48 6.73 10.75 8.95
CA ILE A 48 6.82 9.30 9.11
C ILE A 48 6.74 8.91 10.59
N THR A 49 7.55 9.58 11.40
CA THR A 49 7.55 9.36 12.85
C THR A 49 6.16 9.44 13.46
N GLN A 50 5.39 10.44 13.02
CA GLN A 50 4.12 10.70 13.67
C GLN A 50 2.95 9.88 13.12
N THR A 51 2.96 9.51 11.85
CA THR A 51 1.75 8.98 11.20
C THR A 51 1.88 7.64 10.47
N CYS A 52 3.08 7.10 10.36
CA CYS A 52 3.29 5.81 9.69
C CYS A 52 3.36 4.65 10.67
N ASP A 53 2.71 3.54 10.30
CA ASP A 53 2.75 2.32 11.09
C ASP A 53 3.66 1.29 10.45
N LYS A 54 3.98 1.53 9.18
CA LYS A 54 4.82 0.64 8.42
C LYS A 54 5.46 1.45 7.29
N ILE A 55 6.67 1.11 6.89
CA ILE A 55 7.31 1.81 5.79
C ILE A 55 8.11 0.85 4.88
N THR A 56 7.95 1.06 3.59
CA THR A 56 8.65 0.29 2.57
C THR A 56 9.66 1.21 1.92
N TYR A 57 10.89 0.74 1.76
CA TYR A 57 11.96 1.52 1.14
C TYR A 57 12.18 1.06 -0.31
N GLY A 58 12.40 2.01 -1.21
CA GLY A 58 12.67 1.66 -2.59
C GLY A 58 13.36 2.77 -3.37
N PRO A 59 13.67 2.50 -4.65
CA PRO A 59 14.35 3.46 -5.52
C PRO A 59 13.38 4.34 -6.29
N LEU A 60 13.65 5.64 -6.32
CA LEU A 60 12.90 6.56 -7.17
C LEU A 60 13.50 6.56 -8.57
N LYS A 61 12.74 6.06 -9.54
CA LYS A 61 13.22 5.96 -10.92
C LYS A 61 12.31 6.69 -11.90
N PHE A 62 12.92 7.28 -12.92
CA PHE A 62 12.21 7.97 -13.99
C PHE A 62 12.51 7.35 -15.35
N LEU A 63 11.51 7.31 -16.22
CA LEU A 63 11.67 6.96 -17.62
C LEU A 63 11.25 8.12 -18.50
N ASP A 64 11.93 8.29 -19.63
CA ASP A 64 11.53 9.33 -20.57
C ASP A 64 10.33 8.83 -21.35
N LEU A 65 9.18 9.43 -21.08
CA LEU A 65 7.92 8.99 -21.66
C LEU A 65 7.09 10.21 -22.06
N LEU A 66 6.53 10.17 -23.27
CA LEU A 66 5.75 11.29 -23.78
C LEU A 66 6.46 12.62 -23.52
N GLU A 67 7.77 12.60 -23.72
CA GLU A 67 8.62 13.80 -23.74
C GLU A 67 8.91 14.45 -22.37
N LYS A 68 8.67 13.71 -21.28
CA LYS A 68 9.13 14.14 -19.96
C LYS A 68 9.60 12.95 -19.14
N GLU A 69 10.46 13.21 -18.16
N GLU A 69 10.46 13.22 -18.16
CA GLU A 69 10.88 12.19 -17.22
CA GLU A 69 10.87 12.20 -17.21
C GLU A 69 9.69 11.83 -16.33
C GLU A 69 9.67 11.84 -16.34
N THR A 70 9.34 10.55 -16.28
CA THR A 70 8.13 10.10 -15.63
C THR A 70 8.39 8.99 -14.61
N ALA A 71 7.85 9.17 -13.40
CA ALA A 71 7.90 8.14 -12.36
C ALA A 71 6.48 7.66 -12.07
N VAL A 72 6.34 6.37 -11.84
CA VAL A 72 5.04 5.76 -11.58
C VAL A 72 5.14 4.99 -10.27
N LEU A 73 4.47 5.50 -9.25
CA LEU A 73 4.57 4.94 -7.90
C LEU A 73 3.25 4.32 -7.44
N PRO A 74 3.31 3.13 -6.84
CA PRO A 74 2.08 2.57 -6.29
C PRO A 74 1.68 3.28 -5.00
N LEU A 75 0.39 3.52 -4.77
CA LEU A 75 -0.01 4.14 -3.52
C LEU A 75 0.20 3.16 -2.37
N SER A 76 0.14 1.86 -2.66
CA SER A 76 0.58 0.83 -1.72
C SER A 76 1.35 -0.26 -2.46
N THR A 77 2.57 -0.60 -2.04
CA THR A 77 3.29 -1.67 -2.74
C THR A 77 2.73 -3.04 -2.43
N ASP A 78 2.12 -3.21 -1.26
CA ASP A 78 1.68 -4.53 -0.86
C ASP A 78 0.19 -4.75 -1.07
N ILE A 79 -0.18 -6.02 -1.17
CA ILE A 79 -1.58 -6.40 -1.26
C ILE A 79 -2.09 -6.60 0.15
N THR A 80 -3.09 -5.82 0.53
CA THR A 80 -3.86 -6.16 1.72
C THR A 80 -5.32 -6.23 1.33
N CYS A 81 -5.88 -5.09 0.93
CA CYS A 81 -7.27 -5.00 0.49
C CYS A 81 -7.35 -4.23 -0.83
N PRO A 82 -7.26 -4.94 -1.96
CA PRO A 82 -7.20 -4.30 -3.28
C PRO A 82 -8.33 -3.31 -3.56
N ALA A 83 -9.53 -3.58 -3.10
CA ALA A 83 -10.70 -2.76 -3.45
C ALA A 83 -11.00 -1.67 -2.41
N CYS A 84 -10.39 -1.76 -1.24
CA CYS A 84 -10.61 -0.78 -0.16
C CYS A 84 -10.15 0.62 -0.59
N LEU A 85 -10.98 1.62 -0.30
CA LEU A 85 -10.59 3.00 -0.54
C LEU A 85 -9.69 3.52 0.57
N GLY A 86 -8.76 4.38 0.22
CA GLY A 86 -7.88 5.02 1.18
C GLY A 86 -7.53 6.41 0.70
N ARG A 87 -6.90 7.19 1.58
CA ARG A 87 -6.42 8.52 1.23
C ARG A 87 -4.90 8.52 1.26
N ALA A 88 -4.30 8.98 0.17
CA ALA A 88 -2.86 9.05 0.05
C ALA A 88 -2.38 10.49 0.04
N VAL A 89 -1.27 10.75 0.72
CA VAL A 89 -0.55 12.00 0.56
C VAL A 89 0.85 11.71 0.06
N LEU A 90 1.14 12.28 -1.11
CA LEU A 90 2.48 12.30 -1.70
C LEU A 90 3.23 13.52 -1.18
N VAL A 91 4.43 13.30 -0.65
CA VAL A 91 5.29 14.40 -0.21
C VAL A 91 6.69 14.20 -0.77
N GLY A 92 7.14 15.13 -1.60
CA GLY A 92 8.43 15.00 -2.25
C GLY A 92 9.37 16.12 -1.88
N LYS A 93 10.66 15.80 -1.88
CA LYS A 93 11.68 16.81 -1.61
C LYS A 93 12.22 17.36 -2.92
N TRP A 94 12.19 18.69 -3.04
CA TRP A 94 12.60 19.38 -4.25
C TRP A 94 13.91 20.13 -4.00
N GLU A 95 14.95 19.79 -4.75
CA GLU A 95 16.22 20.50 -4.64
C GLU A 95 17.02 20.26 -5.90
N CYS A 96 17.03 21.27 -6.78
CA CYS A 96 17.72 21.19 -8.04
C CYS A 96 19.21 21.48 -7.87
N PRO A 97 20.08 20.64 -8.46
CA PRO A 97 21.49 21.01 -8.54
C PRO A 97 21.69 22.42 -9.11
N ALA A 98 22.85 23.01 -8.86
CA ALA A 98 23.12 24.37 -9.31
C ALA A 98 23.07 24.49 -10.83
N HIS A 99 23.57 23.47 -11.51
CA HIS A 99 23.73 23.53 -12.96
C HIS A 99 22.44 23.24 -13.74
N VAL A 100 21.43 22.71 -13.06
CA VAL A 100 20.17 22.39 -13.74
C VAL A 100 19.17 23.51 -13.54
N ALA A 101 18.50 23.88 -14.63
CA ALA A 101 17.58 25.02 -14.65
C ALA A 101 16.14 24.55 -14.84
N VAL A 102 15.55 24.05 -13.76
CA VAL A 102 14.17 23.59 -13.78
C VAL A 102 13.41 24.31 -12.69
N ASN A 103 12.24 24.83 -13.06
CA ASN A 103 11.40 25.56 -12.12
C ASN A 103 10.44 24.62 -11.42
N GLU A 104 10.02 24.97 -10.21
CA GLU A 104 9.02 24.21 -9.48
C GLU A 104 7.77 24.00 -10.32
N SER A 105 7.46 24.97 -11.15
CA SER A 105 6.26 24.93 -11.99
C SER A 105 6.36 23.94 -13.13
N ASP A 106 7.56 23.43 -13.38
CA ASP A 106 7.76 22.42 -14.41
C ASP A 106 7.36 21.02 -13.94
N LEU A 107 7.20 20.87 -12.63
CA LEU A 107 6.79 19.58 -12.05
C LEU A 107 5.27 19.47 -12.01
N THR A 108 4.75 18.36 -12.53
CA THR A 108 3.34 18.05 -12.33
C THR A 108 3.19 16.63 -11.79
N VAL A 109 2.05 16.38 -11.14
CA VAL A 109 1.72 15.06 -10.65
C VAL A 109 0.25 14.81 -10.84
N PHE A 110 -0.11 13.54 -10.94
CA PHE A 110 -1.51 13.18 -10.86
C PHE A 110 -1.68 11.83 -10.18
N GLY A 111 -2.91 11.53 -9.82
CA GLY A 111 -3.23 10.29 -9.15
C GLY A 111 -4.72 10.13 -9.15
N PRO A 112 -5.21 9.12 -8.43
CA PRO A 112 -6.66 8.95 -8.40
C PRO A 112 -7.34 10.12 -7.71
N ASN A 113 -8.37 10.66 -8.36
CA ASN A 113 -9.19 11.75 -7.84
C ASN A 113 -8.54 13.11 -8.00
N LYS A 114 -7.39 13.17 -8.66
CA LYS A 114 -6.68 14.46 -8.79
C LYS A 114 -5.95 14.59 -10.11
N GLU A 115 -6.46 15.51 -10.94
CA GLU A 115 -5.93 15.76 -12.27
C GLU A 115 -4.48 16.23 -12.26
N GLU A 116 -3.80 16.07 -13.40
CA GLU A 116 -2.44 16.56 -13.55
C GLU A 116 -2.36 18.03 -13.21
N HIS A 117 -1.43 18.36 -12.32
CA HIS A 117 -1.32 19.71 -11.79
C HIS A 117 0.06 19.93 -11.22
N VAL A 118 0.46 21.18 -11.08
CA VAL A 118 1.66 21.54 -10.33
C VAL A 118 1.35 21.38 -8.84
N PRO A 119 2.07 20.49 -8.14
CA PRO A 119 1.73 20.24 -6.73
C PRO A 119 1.96 21.47 -5.88
N GLN A 120 1.35 21.51 -4.71
CA GLN A 120 1.51 22.61 -3.80
C GLN A 120 2.89 22.53 -3.15
N PHE A 121 3.62 23.65 -3.15
CA PHE A 121 4.96 23.70 -2.55
C PHE A 121 4.94 24.42 -1.21
N VAL A 122 5.80 23.95 -0.31
CA VAL A 122 5.98 24.58 0.99
C VAL A 122 7.45 24.56 1.35
N THR A 123 7.83 25.42 2.30
CA THR A 123 9.14 25.34 2.92
C THR A 123 8.93 24.99 4.37
N VAL A 124 9.70 24.02 4.86
CA VAL A 124 9.63 23.63 6.27
C VAL A 124 11.04 23.62 6.86
N GLN A 125 11.12 23.73 8.18
CA GLN A 125 12.39 23.63 8.89
C GLN A 125 12.56 22.23 9.46
N GLN A 126 13.69 21.60 9.17
CA GLN A 126 13.97 20.26 9.67
C GLN A 126 14.61 20.34 11.05
N PRO A 127 13.86 20.02 12.13
CA PRO A 127 14.39 20.24 13.48
C PRO A 127 15.67 19.47 13.79
N SER A 128 15.92 18.38 13.08
CA SER A 128 17.09 17.54 13.35
C SER A 128 18.38 18.33 13.13
N ASP A 129 18.58 18.80 11.89
CA ASP A 129 19.78 19.57 11.55
C ASP A 129 19.47 21.06 11.36
N GLY A 130 18.22 21.45 11.56
CA GLY A 130 17.81 22.85 11.50
C GLY A 130 17.67 23.39 10.09
N LYS A 131 18.04 22.58 9.09
CA LYS A 131 18.08 23.03 7.71
C LYS A 131 16.68 23.28 7.13
N MET A 132 16.60 24.20 6.18
CA MET A 132 15.37 24.46 5.45
C MET A 132 15.19 23.39 4.37
N GLN A 133 13.94 23.08 4.05
CA GLN A 133 13.63 22.12 2.99
C GLN A 133 12.45 22.57 2.16
N ARG A 134 12.59 22.40 0.86
CA ARG A 134 11.52 22.67 -0.08
C ARG A 134 10.79 21.36 -0.40
N LEU A 135 9.51 21.30 -0.07
CA LEU A 135 8.70 20.10 -0.31
C LEU A 135 7.53 20.40 -1.23
N PHE A 136 7.09 19.39 -1.99
CA PHE A 136 5.83 19.47 -2.71
C PHE A 136 4.91 18.35 -2.25
N PHE A 137 3.60 18.58 -2.34
CA PHE A 137 2.65 17.54 -1.94
C PHE A 137 1.34 17.56 -2.70
N ALA A 138 0.65 16.43 -2.66
CA ALA A 138 -0.67 16.28 -3.27
C ALA A 138 -1.42 15.18 -2.55
N LYS A 139 -2.73 15.34 -2.48
CA LYS A 139 -3.59 14.38 -1.80
C LYS A 139 -4.45 13.64 -2.81
N PHE A 140 -4.57 12.33 -2.64
CA PHE A 140 -5.32 11.48 -3.57
C PHE A 140 -6.32 10.64 -2.81
N LEU A 141 -7.34 10.17 -3.52
CA LEU A 141 -8.32 9.25 -2.97
C LEU A 141 -8.50 8.12 -3.96
N GLY A 142 -8.25 6.90 -3.53
CA GLY A 142 -8.34 5.78 -4.45
C GLY A 142 -8.16 4.47 -3.72
N THR A 143 -8.15 3.38 -4.49
CA THR A 143 -7.96 2.06 -3.91
C THR A 143 -6.48 1.80 -3.73
N GLU A 144 -6.16 0.68 -3.09
CA GLU A 144 -4.77 0.25 -2.89
C GLU A 144 -3.95 0.15 -4.17
N GLU A 145 -4.63 -0.18 -5.26
CA GLU A 145 -3.96 -0.45 -6.53
C GLU A 145 -3.65 0.82 -7.31
N SER A 146 -4.08 1.96 -6.80
CA SER A 146 -3.92 3.21 -7.52
C SER A 146 -2.48 3.65 -7.58
N LEU A 147 -2.22 4.66 -8.41
CA LEU A 147 -0.88 5.11 -8.70
C LEU A 147 -0.74 6.62 -8.56
N ALA A 148 0.47 7.04 -8.24
CA ALA A 148 0.84 8.44 -8.32
C ALA A 148 1.86 8.54 -9.42
N VAL A 149 1.71 9.55 -10.28
CA VAL A 149 2.60 9.73 -11.41
C VAL A 149 3.23 11.10 -11.30
N LEU A 150 4.55 11.16 -11.41
CA LEU A 150 5.27 12.41 -11.37
C LEU A 150 5.90 12.66 -12.74
N ARG A 151 5.85 13.91 -13.18
CA ARG A 151 6.42 14.28 -14.47
C ARG A 151 7.21 15.56 -14.37
N VAL A 152 8.38 15.57 -15.00
CA VAL A 152 9.28 16.70 -14.94
C VAL A 152 10.12 16.70 -16.24
N PRO A 153 10.43 17.89 -16.78
CA PRO A 153 10.96 17.91 -18.15
C PRO A 153 12.46 17.69 -18.28
N GLY A 154 12.97 17.98 -19.47
CA GLY A 154 14.40 18.00 -19.76
C GLY A 154 15.06 16.66 -19.52
N PRO A 155 16.40 16.63 -19.59
CA PRO A 155 17.17 15.44 -19.21
C PRO A 155 17.58 15.49 -17.74
N ASP A 156 17.50 16.65 -17.12
CA ASP A 156 18.01 16.86 -15.77
C ASP A 156 16.91 17.09 -14.72
N GLY A 157 15.66 17.10 -15.17
CA GLY A 157 14.53 17.33 -14.28
C GLY A 157 14.47 16.37 -13.10
N HIS A 158 14.69 15.09 -13.38
CA HIS A 158 14.65 14.07 -12.34
C HIS A 158 15.61 14.35 -11.18
N LEU A 159 16.68 15.10 -11.46
CA LEU A 159 17.69 15.37 -10.46
C LEU A 159 17.21 16.34 -9.37
N CYS A 160 16.07 16.97 -9.60
CA CYS A 160 15.53 17.91 -8.60
C CYS A 160 14.70 17.21 -7.52
N ILE A 161 14.31 15.96 -7.77
CA ILE A 161 13.50 15.22 -6.81
C ILE A 161 14.37 14.20 -6.07
N GLN A 162 14.76 14.53 -4.84
CA GLN A 162 15.65 13.67 -4.06
C GLN A 162 14.94 12.41 -3.55
N GLU A 163 13.70 12.58 -3.13
CA GLU A 163 12.92 11.46 -2.62
C GLU A 163 11.44 11.79 -2.63
N ALA A 164 10.61 10.75 -2.58
CA ALA A 164 9.18 10.91 -2.49
C ALA A 164 8.59 9.96 -1.46
N LEU A 165 7.89 10.54 -0.50
CA LEU A 165 7.10 9.80 0.47
C LEU A 165 5.67 9.66 -0.01
N ILE A 166 5.13 8.45 0.09
CA ILE A 166 3.70 8.25 -0.02
C ILE A 166 3.19 7.70 1.30
N HIS A 167 2.24 8.44 1.88
CA HIS A 167 1.54 7.99 3.05
C HIS A 167 0.16 7.56 2.58
N PHE A 168 -0.14 6.27 2.75
CA PHE A 168 -1.47 5.75 2.41
C PHE A 168 -2.24 5.40 3.67
N LYS A 169 -3.28 6.17 3.96
CA LYS A 169 -4.13 5.88 5.11
C LYS A 169 -5.20 4.90 4.69
N GLU A 170 -5.04 3.66 5.15
CA GLU A 170 -5.99 2.61 4.82
C GLU A 170 -7.33 2.83 5.47
N LEU A 171 -8.31 2.08 4.99
CA LEU A 171 -9.65 2.13 5.56
C LEU A 171 -9.57 1.84 7.06
N SER A 172 -8.67 0.93 7.44
CA SER A 172 -8.44 0.60 8.84
C SER A 172 -7.97 1.80 9.67
N GLY A 173 -7.37 2.78 9.01
CA GLY A 173 -6.67 3.87 9.70
C GLY A 173 -5.17 3.66 9.75
N ALA A 174 -4.71 2.48 9.37
CA ALA A 174 -3.28 2.20 9.36
C ALA A 174 -2.55 3.11 8.38
N GLY A 175 -1.39 3.62 8.79
CA GLY A 175 -0.56 4.42 7.93
C GLY A 175 0.49 3.57 7.25
N VAL A 176 0.23 3.24 5.99
CA VAL A 176 1.13 2.40 5.22
C VAL A 176 1.94 3.26 4.28
N CYS A 177 3.23 3.38 4.56
CA CYS A 177 4.05 4.37 3.90
C CYS A 177 5.11 3.77 3.00
N SER A 178 5.56 4.57 2.04
N SER A 178 5.57 4.56 2.04
CA SER A 178 6.61 4.20 1.11
CA SER A 178 6.67 4.14 1.19
C SER A 178 7.58 5.36 0.96
C SER A 178 7.58 5.32 0.93
N LEU A 179 8.87 5.07 0.96
CA LEU A 179 9.88 6.11 0.76
C LEU A 179 10.76 5.73 -0.41
N TRP A 180 10.64 6.52 -1.48
CA TRP A 180 11.33 6.27 -2.74
C TRP A 180 12.43 7.30 -2.88
N LYS A 181 13.68 6.85 -2.76
N LYS A 181 13.68 6.84 -2.80
CA LYS A 181 14.83 7.73 -2.81
CA LYS A 181 14.82 7.75 -2.80
C LYS A 181 15.61 7.56 -4.11
C LYS A 181 15.66 7.57 -4.05
N ALA A 182 16.07 8.68 -4.66
CA ALA A 182 16.94 8.63 -5.81
C ALA A 182 18.24 7.96 -5.38
N ASN A 183 18.72 7.02 -6.18
CA ASN A 183 19.94 6.27 -5.86
C ASN A 183 19.85 5.47 -4.55
N ASP A 184 18.64 5.08 -4.17
CA ASP A 184 18.47 4.10 -3.10
C ASP A 184 19.23 2.84 -3.46
N SER A 185 19.76 2.13 -2.47
CA SER A 185 20.53 0.92 -2.74
C SER A 185 19.64 -0.19 -3.29
N ARG A 186 18.34 -0.12 -3.00
CA ARG A 186 17.41 -1.18 -3.39
C ARG A 186 16.98 -1.07 -4.85
N GLU A 187 17.97 -1.01 -5.74
CA GLU A 187 17.72 -0.68 -7.14
C GLU A 187 16.97 -1.76 -7.93
N GLU A 188 16.96 -2.99 -7.42
CA GLU A 188 16.21 -4.06 -8.06
C GLU A 188 14.76 -4.19 -7.52
N GLY A 189 14.42 -3.36 -6.54
CA GLY A 189 13.11 -3.43 -5.89
C GLY A 189 11.97 -2.91 -6.75
N LEU A 190 12.26 -1.89 -7.56
CA LEU A 190 11.33 -1.39 -8.56
C LEU A 190 12.05 -1.32 -9.89
N GLU A 191 11.52 -2.02 -10.89
CA GLU A 191 12.02 -1.94 -12.25
C GLU A 191 10.87 -1.48 -13.14
N MET A 192 11.13 -0.52 -14.03
CA MET A 192 10.12 -0.07 -14.97
C MET A 192 10.64 -0.12 -16.40
N LYS A 193 9.79 -0.55 -17.32
CA LYS A 193 10.15 -0.57 -18.74
C LYS A 193 8.93 -0.33 -19.62
N GLN A 194 9.12 0.43 -20.69
CA GLN A 194 8.06 0.62 -21.65
C GLN A 194 7.86 -0.68 -22.43
N VAL A 195 6.60 -1.06 -22.61
CA VAL A 195 6.23 -2.24 -23.37
C VAL A 195 5.22 -1.85 -24.44
N ASP A 196 5.06 -2.70 -25.44
CA ASP A 196 4.07 -2.47 -26.48
C ASP A 196 2.68 -2.67 -25.92
N CYS A 197 1.77 -1.76 -26.23
CA CYS A 197 0.37 -1.93 -25.85
C CYS A 197 -0.23 -3.05 -26.71
N LEU A 198 -0.89 -4.01 -26.06
CA LEU A 198 -1.42 -5.20 -26.73
C LEU A 198 -2.93 -5.12 -27.03
N GLU A 199 -3.68 -4.46 -26.16
CA GLU A 199 -5.11 -4.35 -26.32
C GLU A 199 -5.49 -3.09 -27.11
N THR A 200 -6.76 -2.97 -27.47
CA THR A 200 -7.22 -1.80 -28.22
C THR A 200 -7.00 -0.51 -27.42
N THR A 201 -6.45 0.50 -28.08
CA THR A 201 -6.17 1.80 -27.48
C THR A 201 -7.42 2.41 -26.87
N VAL A 202 -7.26 3.03 -25.69
CA VAL A 202 -8.35 3.70 -25.02
C VAL A 202 -7.97 5.14 -24.64
N LEU A 203 -6.70 5.47 -24.84
CA LEU A 203 -6.19 6.80 -24.58
C LEU A 203 -5.47 7.36 -25.80
N GLU A 204 -5.46 8.68 -25.94
CA GLU A 204 -4.65 9.30 -26.96
C GLU A 204 -3.17 9.25 -26.55
N ASN A 205 -2.32 8.95 -27.52
CA ASN A 205 -0.87 8.81 -27.30
C ASN A 205 -0.57 7.77 -26.21
N GLN A 206 -1.32 6.68 -26.26
CA GLN A 206 -1.23 5.66 -25.23
C GLN A 206 0.16 5.05 -25.17
N THR A 207 0.69 5.02 -23.96
CA THR A 207 2.03 4.54 -23.69
C THR A 207 1.93 3.54 -22.55
N CYS A 208 2.42 2.32 -22.76
CA CYS A 208 2.29 1.26 -21.78
C CYS A 208 3.60 1.00 -21.05
N ILE A 209 3.50 0.87 -19.73
CA ILE A 209 4.66 0.67 -18.86
C ILE A 209 4.41 -0.51 -17.95
N ALA A 210 5.41 -1.39 -17.85
CA ALA A 210 5.39 -2.47 -16.88
C ALA A 210 6.29 -2.06 -15.71
N THR A 211 5.73 -2.11 -14.50
CA THR A 211 6.49 -1.83 -13.29
C THR A 211 6.52 -3.09 -12.45
N THR A 212 7.71 -3.63 -12.21
CA THR A 212 7.84 -4.83 -11.38
C THR A 212 8.31 -4.41 -9.99
N LEU A 213 7.52 -4.78 -8.99
CA LEU A 213 7.84 -4.52 -7.59
C LEU A 213 8.30 -5.82 -6.96
N SER A 214 9.51 -5.82 -6.41
CA SER A 214 10.06 -7.03 -5.79
C SER A 214 10.54 -6.71 -4.38
N LYS A 215 9.94 -7.36 -3.39
CA LYS A 215 10.27 -7.14 -2.00
C LYS A 215 10.84 -8.40 -1.37
N LYS A 216 11.94 -8.25 -0.65
CA LYS A 216 12.49 -9.36 0.11
C LYS A 216 11.73 -9.50 1.42
N ILE A 217 10.85 -10.48 1.45
CA ILE A 217 10.05 -10.76 2.64
C ILE A 217 9.56 -12.19 2.49
N TYR A 218 9.63 -12.96 3.56
CA TYR A 218 9.16 -14.34 3.49
C TYR A 218 7.66 -14.34 3.72
N HIS A 219 6.91 -14.60 2.66
CA HIS A 219 5.45 -14.52 2.70
C HIS A 219 4.85 -15.90 2.61
N ARG A 220 3.76 -16.09 3.33
CA ARG A 220 2.96 -17.31 3.27
C ARG A 220 1.50 -16.92 3.26
N LEU A 221 0.71 -17.66 2.48
CA LEU A 221 -0.73 -17.43 2.40
C LEU A 221 -1.45 -18.71 2.75
N TYR A 222 -2.43 -18.59 3.65
CA TYR A 222 -3.21 -19.72 4.13
C TYR A 222 -4.69 -19.52 3.91
N CYS A 223 -5.42 -20.63 3.84
CA CYS A 223 -6.87 -20.60 4.02
C CYS A 223 -7.11 -21.45 5.25
N GLY A 224 -7.47 -20.79 6.33
CA GLY A 224 -7.49 -21.43 7.63
C GLY A 224 -6.06 -21.80 8.00
N GLU A 225 -5.78 -23.10 8.00
CA GLU A 225 -4.47 -23.62 8.34
C GLU A 225 -3.89 -24.49 7.21
N ARG A 226 -4.51 -24.44 6.03
CA ARG A 226 -3.91 -25.04 4.84
C ARG A 226 -3.07 -23.98 4.13
N LEU A 227 -1.80 -24.30 3.90
CA LEU A 227 -0.89 -23.39 3.21
C LEU A 227 -1.15 -23.40 1.71
N MET A 228 -1.49 -22.23 1.18
CA MET A 228 -1.81 -22.09 -0.24
C MET A 228 -0.56 -21.76 -1.06
N THR A 229 0.25 -20.82 -0.59
CA THR A 229 1.45 -20.44 -1.30
C THR A 229 2.43 -19.72 -0.37
N GLY A 230 3.67 -19.58 -0.84
CA GLY A 230 4.70 -18.94 -0.04
C GLY A 230 5.95 -18.67 -0.86
N GLY A 231 6.92 -17.98 -0.28
CA GLY A 231 8.14 -17.63 -0.99
C GLY A 231 9.01 -16.63 -0.24
N GLN A 232 10.20 -16.42 -0.77
CA GLN A 232 11.20 -15.53 -0.16
C GLN A 232 11.12 -14.11 -0.70
N VAL A 233 10.43 -13.97 -1.82
CA VAL A 233 10.32 -12.70 -2.51
C VAL A 233 8.88 -12.48 -2.94
N SER A 234 8.35 -11.31 -2.62
CA SER A 234 7.01 -10.92 -3.04
C SER A 234 7.14 -10.09 -4.31
N THR A 235 6.59 -10.60 -5.41
CA THR A 235 6.67 -9.92 -6.68
C THR A 235 5.29 -9.50 -7.19
N ARG A 236 5.21 -8.26 -7.65
CA ARG A 236 3.97 -7.69 -8.17
C ARG A 236 4.31 -6.94 -9.44
N VAL A 237 3.54 -7.16 -10.50
CA VAL A 237 3.77 -6.47 -11.76
C VAL A 237 2.57 -5.59 -12.09
N LEU A 238 2.83 -4.30 -12.23
CA LEU A 238 1.82 -3.34 -12.64
C LEU A 238 1.92 -3.15 -14.14
N LEU A 239 0.77 -3.18 -14.82
CA LEU A 239 0.73 -2.83 -16.22
C LEU A 239 -0.13 -1.58 -16.37
N THR A 240 0.50 -0.49 -16.78
CA THR A 240 -0.11 0.83 -16.76
C THR A 240 -0.07 1.52 -18.11
N ALA A 241 -1.22 2.03 -18.55
CA ALA A 241 -1.30 2.88 -19.73
C ALA A 241 -1.33 4.36 -19.35
N LEU A 242 -0.38 5.13 -19.88
CA LEU A 242 -0.39 6.59 -19.76
C LEU A 242 -0.88 7.21 -21.05
N GLY A 243 -1.54 8.37 -20.96
CA GLY A 243 -2.02 9.06 -22.13
C GLY A 243 -3.05 10.13 -21.79
N PHE A 244 -3.83 10.53 -22.79
CA PHE A 244 -4.84 11.57 -22.61
C PHE A 244 -6.20 11.09 -23.05
N TYR A 245 -7.24 11.36 -22.25
N TYR A 245 -7.21 11.44 -22.26
CA TYR A 245 -8.56 10.88 -22.62
CA TYR A 245 -8.59 11.11 -22.57
C TYR A 245 -9.09 11.72 -23.77
C TYR A 245 -8.96 11.77 -23.88
N LYS A 246 -9.65 11.02 -24.74
CA LYS A 246 -10.17 11.61 -25.96
C LYS A 246 -11.42 12.43 -25.64
N ARG A 247 -11.33 13.75 -25.83
CA ARG A 247 -12.46 14.63 -25.53
C ARG A 247 -13.27 14.98 -26.78
N GLN A 248 -14.53 14.57 -26.79
CA GLN A 248 -15.46 14.90 -27.88
C GLN A 248 -15.78 16.39 -27.92
N PRO A 249 -15.92 16.96 -29.13
CA PRO A 249 -16.25 18.38 -29.26
C PRO A 249 -17.56 18.78 -28.56
N TYR A 250 -17.59 19.96 -27.92
CA TYR A 250 -18.80 20.55 -27.35
C TYR A 250 -19.42 19.70 -26.24
N THR A 251 -18.61 18.83 -25.65
CA THR A 251 -19.10 17.87 -24.67
C THR A 251 -18.39 18.00 -23.33
N PHE A 252 -19.19 17.93 -22.27
CA PHE A 252 -18.66 17.90 -20.92
C PHE A 252 -18.28 16.48 -20.56
N HIS A 253 -17.04 16.30 -20.10
CA HIS A 253 -16.56 14.99 -19.63
C HIS A 253 -16.11 15.10 -18.19
N ARG A 254 -16.45 14.10 -17.39
CA ARG A 254 -16.02 14.07 -15.99
C ARG A 254 -14.53 13.78 -15.88
N VAL A 255 -14.00 13.04 -16.85
CA VAL A 255 -12.58 12.73 -16.87
C VAL A 255 -11.77 14.01 -17.04
N PRO A 256 -10.72 14.20 -16.22
CA PRO A 256 -10.01 15.48 -16.28
C PRO A 256 -9.12 15.62 -17.50
N LYS A 257 -8.72 16.86 -17.76
CA LYS A 257 -7.78 17.17 -18.81
C LYS A 257 -6.37 16.84 -18.31
N GLY A 258 -5.37 16.89 -19.19
CA GLY A 258 -4.01 16.54 -18.84
C GLY A 258 -3.76 15.04 -18.90
N MET A 259 -2.57 14.61 -18.48
CA MET A 259 -2.27 13.18 -18.58
C MET A 259 -3.01 12.40 -17.50
N VAL A 260 -3.41 11.18 -17.88
CA VAL A 260 -4.09 10.25 -16.99
C VAL A 260 -3.44 8.89 -17.09
N TYR A 261 -3.89 7.96 -16.27
CA TYR A 261 -3.49 6.57 -16.43
C TYR A 261 -4.71 5.67 -16.42
N VAL A 262 -4.55 4.49 -17.00
CA VAL A 262 -5.53 3.42 -16.92
C VAL A 262 -4.80 2.13 -16.56
N HIS A 263 -5.41 1.32 -15.70
CA HIS A 263 -4.88 -0.01 -15.40
C HIS A 263 -5.14 -0.96 -16.56
N LEU A 264 -4.12 -1.75 -16.93
CA LEU A 264 -4.29 -2.78 -17.95
C LEU A 264 -4.27 -4.18 -17.32
N ILE A 265 -4.92 -5.13 -17.98
CA ILE A 265 -5.03 -6.50 -17.48
C ILE A 265 -3.77 -7.30 -17.82
N ASP A 266 -3.51 -8.36 -17.04
CA ASP A 266 -2.40 -9.26 -17.34
C ASP A 266 -2.60 -9.97 -18.67
N SER A 267 -1.51 -10.27 -19.36
CA SER A 267 -1.57 -10.92 -20.68
C SER A 267 -2.19 -12.31 -20.57
N GLY A 268 -1.71 -13.08 -19.60
CA GLY A 268 -2.26 -14.39 -19.32
C GLY A 268 -3.27 -14.28 -18.19
N SER A 269 -4.52 -14.66 -18.46
CA SER A 269 -5.58 -14.54 -17.49
C SER A 269 -5.31 -15.36 -16.22
N GLU A 270 -5.46 -14.71 -15.08
CA GLU A 270 -5.29 -15.36 -13.79
C GLU A 270 -6.62 -15.35 -13.04
N ASP A 271 -7.67 -15.77 -13.74
CA ASP A 271 -9.01 -15.80 -13.19
C ASP A 271 -9.37 -17.19 -12.68
N TYR A 272 -8.34 -17.95 -12.33
CA TYR A 272 -8.54 -19.30 -11.80
C TYR A 272 -7.96 -19.39 -10.39
N MET A 273 -8.31 -20.46 -9.69
CA MET A 273 -7.71 -20.73 -8.38
C MET A 273 -6.79 -21.92 -8.51
N GLU A 274 -5.49 -21.67 -8.59
CA GLU A 274 -4.52 -22.74 -8.76
C GLU A 274 -4.54 -23.66 -7.55
N TYR A 275 -4.76 -23.06 -6.38
CA TYR A 275 -4.84 -23.82 -5.14
C TYR A 275 -6.31 -24.02 -4.74
N SER A 276 -6.84 -25.20 -5.07
CA SER A 276 -8.26 -25.49 -4.89
C SER A 276 -8.50 -26.42 -3.72
N GLU A 277 -7.56 -26.48 -2.80
CA GLU A 277 -7.64 -27.44 -1.69
C GLU A 277 -8.21 -26.83 -0.40
N CYS A 278 -8.67 -25.58 -0.47
CA CYS A 278 -9.32 -24.94 0.67
C CYS A 278 -10.73 -25.48 0.85
N GLU A 279 -11.16 -25.63 2.10
CA GLU A 279 -12.55 -25.94 2.37
C GLU A 279 -13.40 -24.72 2.02
N GLU A 280 -14.62 -24.94 1.54
CA GLU A 280 -15.48 -23.85 1.12
C GLU A 280 -15.92 -23.02 2.31
N VAL A 281 -15.87 -23.63 3.50
CA VAL A 281 -16.11 -22.92 4.73
C VAL A 281 -14.95 -23.24 5.65
N THR A 282 -14.29 -22.19 6.12
CA THR A 282 -13.06 -22.40 6.88
C THR A 282 -13.44 -22.89 8.28
N PRO A 283 -12.74 -23.95 8.76
CA PRO A 283 -13.03 -24.46 10.11
C PRO A 283 -12.83 -23.41 11.21
N GLY A 284 -13.80 -23.33 12.12
CA GLY A 284 -13.71 -22.43 13.24
C GLY A 284 -14.70 -22.85 14.30
N ARG A 285 -14.67 -22.16 15.45
CA ARG A 285 -15.62 -22.44 16.52
C ARG A 285 -16.73 -21.41 16.49
N TYR A 286 -17.97 -21.89 16.35
CA TYR A 286 -19.14 -21.02 16.31
C TYR A 286 -19.76 -20.87 17.69
N GLU A 287 -20.06 -19.63 18.07
CA GLU A 287 -20.71 -19.34 19.34
C GLU A 287 -22.01 -18.57 19.10
N ASP A 288 -22.51 -18.63 17.87
CA ASP A 288 -23.77 -17.97 17.48
C ASP A 288 -23.63 -16.45 17.42
N LYS A 289 -22.96 -15.88 18.41
CA LYS A 289 -22.67 -14.46 18.43
C LYS A 289 -21.43 -14.14 17.58
N GLN A 290 -20.50 -15.08 17.51
CA GLN A 290 -19.27 -14.90 16.75
C GLN A 290 -18.59 -16.21 16.35
N ILE A 291 -17.74 -16.14 15.34
CA ILE A 291 -16.88 -17.24 14.96
C ILE A 291 -15.46 -16.96 15.44
N SER A 292 -14.82 -17.94 16.04
CA SER A 292 -13.45 -17.80 16.52
C SER A 292 -12.51 -18.76 15.79
N TYR A 293 -11.41 -18.20 15.29
CA TYR A 293 -10.38 -18.97 14.64
C TYR A 293 -9.09 -18.87 15.43
N THR A 294 -8.37 -19.99 15.53
CA THR A 294 -7.06 -19.97 16.16
C THR A 294 -6.04 -20.66 15.28
N PHE A 295 -4.79 -20.25 15.42
CA PHE A 295 -3.69 -20.85 14.70
C PHE A 295 -2.39 -20.58 15.44
N TYR A 296 -1.41 -21.45 15.20
CA TYR A 296 -0.07 -21.27 15.71
C TYR A 296 0.75 -20.49 14.70
N THR A 297 1.66 -19.65 15.19
CA THR A 297 2.59 -18.94 14.33
C THR A 297 3.90 -18.65 15.05
N ASP A 298 5.00 -18.68 14.30
CA ASP A 298 6.30 -18.31 14.84
C ASP A 298 6.65 -16.88 14.46
N LEU A 299 5.64 -16.13 14.00
CA LEU A 299 5.87 -14.80 13.47
C LEU A 299 6.52 -13.88 14.50
N PHE A 300 6.08 -13.95 15.74
CA PHE A 300 6.55 -13.01 16.75
C PHE A 300 7.99 -13.30 17.17
N GLN A 301 8.54 -14.43 16.72
CA GLN A 301 9.94 -14.77 16.99
C GLN A 301 10.86 -14.24 15.89
N THR A 302 10.27 -13.74 14.81
CA THR A 302 11.00 -13.16 13.69
C THR A 302 11.13 -11.64 13.77
N ALA A 303 10.41 -11.07 14.72
CA ALA A 303 10.16 -9.64 14.72
C ALA A 303 11.40 -8.78 14.98
N ASP A 304 12.47 -9.39 15.50
CA ASP A 304 13.72 -8.68 15.78
C ASP A 304 13.51 -7.51 16.75
N GLY A 305 12.72 -7.74 17.79
CA GLY A 305 12.43 -6.72 18.79
C GLY A 305 11.53 -5.61 18.27
N GLU A 306 11.14 -5.70 17.01
CA GLU A 306 10.28 -4.70 16.39
C GLU A 306 8.84 -5.17 16.39
N PRO A 307 7.91 -4.26 16.09
CA PRO A 307 6.51 -4.68 16.16
C PRO A 307 6.05 -5.55 15.00
N VAL A 308 4.88 -6.14 15.22
CA VAL A 308 4.13 -6.83 14.19
C VAL A 308 2.90 -5.99 13.89
N LEU A 309 2.60 -5.83 12.60
CA LEU A 309 1.41 -5.12 12.17
C LEU A 309 0.37 -6.13 11.75
N ALA A 310 -0.83 -6.01 12.29
CA ALA A 310 -1.93 -6.90 11.93
C ALA A 310 -3.01 -6.09 11.22
N SER A 311 -3.36 -6.51 10.00
CA SER A 311 -4.42 -5.88 9.24
C SER A 311 -5.50 -6.91 9.01
N VAL A 312 -6.75 -6.55 9.27
CA VAL A 312 -7.86 -7.47 9.02
C VAL A 312 -8.98 -6.73 8.34
N TRP A 313 -9.58 -7.35 7.34
CA TRP A 313 -10.77 -6.78 6.74
C TRP A 313 -11.73 -7.87 6.31
N GLY A 314 -12.98 -7.50 6.10
CA GLY A 314 -13.96 -8.46 5.64
C GLY A 314 -15.11 -7.82 4.90
N THR A 315 -15.90 -8.67 4.25
CA THR A 315 -17.11 -8.27 3.56
C THR A 315 -18.08 -9.44 3.61
N SER A 316 -19.36 -9.15 3.82
CA SER A 316 -20.37 -10.20 3.90
C SER A 316 -20.72 -10.78 2.54
N GLY A 317 -20.12 -10.24 1.50
CA GLY A 317 -20.60 -10.50 0.15
C GLY A 317 -21.89 -9.71 0.04
N LEU A 318 -22.78 -10.12 -0.86
CA LEU A 318 -24.05 -9.42 -1.01
C LEU A 318 -23.83 -7.96 -1.41
N LYS A 319 -23.31 -7.18 -0.46
CA LYS A 319 -23.04 -5.77 -0.67
C LYS A 319 -21.97 -5.58 -1.75
N ASP A 320 -22.17 -4.56 -2.59
CA ASP A 320 -21.27 -4.31 -3.70
C ASP A 320 -19.87 -3.91 -3.26
N SER A 321 -19.77 -3.16 -2.17
CA SER A 321 -18.48 -2.65 -1.71
C SER A 321 -18.55 -2.09 -0.29
N ALA A 322 -19.12 -2.85 0.63
CA ALA A 322 -19.11 -2.47 2.04
C ALA A 322 -18.04 -3.27 2.78
N TYR A 323 -16.88 -2.64 3.00
CA TYR A 323 -15.75 -3.31 3.64
C TYR A 323 -15.60 -2.89 5.08
N GLU A 324 -15.37 -3.87 5.95
CA GLU A 324 -15.01 -3.62 7.34
C GLU A 324 -13.51 -3.85 7.46
N SER A 325 -12.79 -2.94 8.11
CA SER A 325 -11.35 -3.08 8.27
C SER A 325 -10.85 -2.50 9.59
N CYS A 326 -9.91 -3.21 10.20
CA CYS A 326 -9.26 -2.77 11.42
C CYS A 326 -7.78 -3.11 11.30
N ALA A 327 -6.95 -2.43 12.09
CA ALA A 327 -5.52 -2.74 12.13
C ALA A 327 -5.00 -2.62 13.56
N PHE A 328 -3.98 -3.41 13.87
CA PHE A 328 -3.41 -3.45 15.21
C PHE A 328 -1.90 -3.44 15.13
N VAL A 329 -1.27 -2.64 16.00
CA VAL A 329 0.17 -2.70 16.17
C VAL A 329 0.49 -3.55 17.40
N ILE A 330 1.39 -4.50 17.23
CA ILE A 330 1.73 -5.43 18.28
C ILE A 330 3.22 -5.37 18.57
N PRO A 331 3.63 -4.57 19.55
CA PRO A 331 5.05 -4.51 19.88
C PRO A 331 5.52 -5.85 20.46
N THR A 332 6.81 -6.15 20.31
CA THR A 332 7.36 -7.41 20.81
C THR A 332 8.39 -7.14 21.92
N LYS A 333 8.49 -5.89 22.35
CA LYS A 333 9.29 -5.53 23.53
C LYS A 333 8.67 -4.30 24.16
N GLY A 334 9.06 -4.00 25.40
CA GLY A 334 8.58 -2.81 26.08
C GLY A 334 7.27 -3.03 26.83
N ARG A 335 6.62 -1.93 27.21
CA ARG A 335 5.38 -1.97 27.99
C ARG A 335 4.28 -2.74 27.28
N ARG A 336 3.61 -3.63 28.02
CA ARG A 336 2.50 -4.41 27.50
CA ARG A 336 2.50 -4.41 27.50
C ARG A 336 2.88 -5.09 26.18
N LYS A 337 4.07 -5.67 26.14
CA LYS A 337 4.55 -6.32 24.93
C LYS A 337 3.60 -7.44 24.54
N LEU A 338 3.48 -7.67 23.24
CA LEU A 338 2.64 -8.73 22.67
C LEU A 338 1.15 -8.50 22.89
N VAL A 339 0.79 -7.27 23.29
CA VAL A 339 -0.62 -6.88 23.44
C VAL A 339 -1.00 -5.97 22.27
N PRO A 340 -1.95 -6.40 21.42
CA PRO A 340 -2.33 -5.57 20.26
C PRO A 340 -2.87 -4.20 20.63
N ARG A 341 -2.38 -3.18 19.92
CA ARG A 341 -2.89 -1.82 20.03
C ARG A 341 -3.73 -1.52 18.80
N ARG A 342 -5.03 -1.28 19.01
CA ARG A 342 -5.92 -0.91 17.93
C ARG A 342 -5.54 0.45 17.38
N ILE A 343 -5.54 0.59 16.06
CA ILE A 343 -5.10 1.84 15.45
C ILE A 343 -6.23 2.87 15.41
N MET A 344 -7.42 2.46 15.02
CA MET A 344 -8.54 3.40 15.14
C MET A 344 -9.31 3.20 16.43
N SER A 345 -10.22 4.11 16.71
CA SER A 345 -10.94 4.16 17.99
C SER A 345 -11.59 2.81 18.34
N LYS A 346 -12.38 2.28 17.40
CA LYS A 346 -13.17 1.08 17.68
C LYS A 346 -13.12 0.08 16.53
N CYS A 347 -13.04 -1.21 16.85
CA CYS A 347 -13.15 -2.26 15.85
C CYS A 347 -14.22 -3.23 16.27
N TYR A 348 -15.42 -3.02 15.75
CA TYR A 348 -16.57 -3.82 16.16
C TYR A 348 -16.55 -5.24 15.59
N PRO A 349 -16.20 -5.40 14.30
CA PRO A 349 -16.27 -6.75 13.71
C PRO A 349 -15.22 -7.74 14.21
N PHE A 350 -14.04 -7.26 14.62
CA PHE A 350 -12.93 -8.16 14.87
C PHE A 350 -12.26 -7.96 16.22
N ARG A 351 -11.83 -9.07 16.81
CA ARG A 351 -10.97 -9.05 17.98
C ARG A 351 -9.79 -9.96 17.73
N LEU A 352 -8.61 -9.46 18.05
CA LEU A 352 -7.39 -10.19 17.83
C LEU A 352 -6.65 -10.30 19.16
N THR A 353 -6.26 -11.53 19.51
CA THR A 353 -5.54 -11.77 20.74
C THR A 353 -4.45 -12.77 20.51
N TYR A 354 -3.36 -12.65 21.27
CA TYR A 354 -2.21 -13.52 21.14
C TYR A 354 -1.86 -14.13 22.49
N HIS A 355 -1.56 -15.42 22.48
CA HIS A 355 -1.22 -16.17 23.68
C HIS A 355 0.25 -16.59 23.59
N PRO A 356 1.14 -15.77 24.18
CA PRO A 356 2.59 -16.00 24.01
C PRO A 356 3.03 -17.38 24.42
N SER A 357 2.44 -17.92 25.48
CA SER A 357 2.82 -19.23 26.01
C SER A 357 2.69 -20.33 24.97
N THR A 358 1.58 -20.31 24.24
CA THR A 358 1.31 -21.34 23.23
C THR A 358 1.59 -20.85 21.81
N MET A 359 1.97 -19.58 21.68
CA MET A 359 2.23 -18.99 20.37
C MET A 359 1.02 -19.18 19.47
N THR A 360 -0.14 -18.86 20.04
CA THR A 360 -1.42 -19.03 19.36
C THR A 360 -2.13 -17.70 19.21
N VAL A 361 -2.51 -17.39 17.98
CA VAL A 361 -3.35 -16.24 17.71
C VAL A 361 -4.79 -16.68 17.71
N ARG A 362 -5.65 -15.81 18.21
CA ARG A 362 -7.08 -16.00 18.11
C ARG A 362 -7.73 -14.80 17.44
N LEU A 363 -8.44 -15.06 16.35
CA LEU A 363 -9.25 -14.07 15.67
C LEU A 363 -10.73 -14.34 15.91
N ASP A 364 -11.42 -13.36 16.50
CA ASP A 364 -12.86 -13.43 16.67
C ASP A 364 -13.54 -12.55 15.64
N VAL A 365 -14.52 -13.13 14.96
CA VAL A 365 -15.31 -12.41 13.97
C VAL A 365 -16.75 -12.32 14.44
N ARG A 366 -17.22 -11.12 14.73
CA ARG A 366 -18.60 -10.93 15.14
C ARG A 366 -19.51 -11.13 13.92
N VAL A 367 -20.60 -11.87 14.12
CA VAL A 367 -21.54 -12.16 13.05
C VAL A 367 -22.98 -12.08 13.57
N GLU A 368 -23.93 -11.99 12.65
CA GLU A 368 -25.34 -11.92 13.01
C GLU A 368 -25.95 -13.32 13.20
N LYS A 369 -27.25 -13.36 13.46
CA LYS A 369 -27.93 -14.59 13.88
C LYS A 369 -28.00 -15.66 12.79
N HIS A 370 -28.60 -15.30 11.66
CA HIS A 370 -28.84 -16.24 10.57
C HIS A 370 -27.55 -16.91 10.09
N HIS A 371 -27.67 -18.13 9.54
CA HIS A 371 -26.48 -18.94 9.29
C HIS A 371 -26.55 -19.95 8.14
N GLY A 372 -27.75 -20.37 7.75
CA GLY A 372 -27.89 -21.54 6.88
C GLY A 372 -28.32 -21.36 5.44
N ALA A 373 -28.10 -20.19 4.86
CA ALA A 373 -28.42 -19.96 3.45
C ALA A 373 -27.93 -18.61 2.94
N THR A 374 -27.79 -18.51 1.62
CA THR A 374 -27.36 -17.28 0.92
C THR A 374 -26.29 -16.46 1.66
N ASP A 375 -25.20 -17.12 2.02
CA ASP A 375 -24.10 -16.46 2.71
C ASP A 375 -22.76 -16.70 2.02
N GLN A 376 -21.94 -15.65 1.97
CA GLN A 376 -20.63 -15.73 1.34
C GLN A 376 -19.65 -14.76 1.96
N GLY A 377 -19.65 -14.68 3.28
CA GLY A 377 -18.74 -13.81 4.01
C GLY A 377 -17.27 -14.14 3.75
N PHE A 378 -16.42 -13.11 3.77
CA PHE A 378 -14.99 -13.29 3.57
C PHE A 378 -14.22 -12.39 4.52
N VAL A 379 -13.20 -12.95 5.15
CA VAL A 379 -12.29 -12.20 6.02
C VAL A 379 -10.84 -12.52 5.63
N PHE A 380 -10.01 -11.49 5.61
CA PHE A 380 -8.59 -11.63 5.39
C PHE A 380 -7.82 -11.03 6.55
N LEU A 381 -6.91 -11.81 7.12
CA LEU A 381 -6.02 -11.35 8.18
C LEU A 381 -4.59 -11.45 7.70
N LYS A 382 -3.87 -10.34 7.77
CA LYS A 382 -2.45 -10.35 7.49
C LYS A 382 -1.69 -9.88 8.72
N MET A 383 -0.63 -10.59 9.03
CA MET A 383 0.25 -10.25 10.14
C MET A 383 1.67 -10.27 9.60
N GLU A 384 2.43 -9.21 9.85
CA GLU A 384 3.74 -9.05 9.25
C GLU A 384 4.74 -8.35 10.17
N SER A 385 5.97 -8.82 10.08
CA SER A 385 7.12 -8.13 10.65
C SER A 385 7.85 -7.47 9.49
N GLY A 386 9.09 -7.08 9.73
CA GLY A 386 9.93 -6.52 8.69
C GLY A 386 10.39 -7.56 7.68
N THR A 387 10.43 -8.83 8.10
CA THR A 387 11.04 -9.89 7.30
C THR A 387 10.11 -11.06 6.98
N TYR A 388 8.94 -11.10 7.63
CA TYR A 388 7.94 -12.16 7.41
C TYR A 388 6.53 -11.58 7.31
N SER A 389 5.71 -12.19 6.46
CA SER A 389 4.29 -11.88 6.42
C SER A 389 3.48 -13.16 6.27
N GLU A 390 2.36 -13.19 6.97
CA GLU A 390 1.40 -14.29 6.94
C GLU A 390 0.04 -13.75 6.60
N GLY A 391 -0.52 -14.21 5.48
CA GLY A 391 -1.90 -13.90 5.13
C GLY A 391 -2.78 -15.12 5.35
N ARG A 392 -4.00 -14.87 5.82
CA ARG A 392 -4.94 -15.94 6.10
C ARG A 392 -6.33 -15.55 5.63
N GLU A 393 -6.86 -16.33 4.70
CA GLU A 393 -8.22 -16.13 4.20
C GLU A 393 -9.18 -16.99 5.00
N TYR A 394 -10.34 -16.41 5.29
CA TYR A 394 -11.41 -17.12 5.97
C TYR A 394 -12.70 -16.99 5.19
N TYR A 395 -13.33 -18.13 4.93
CA TYR A 395 -14.58 -18.19 4.18
C TYR A 395 -15.68 -18.51 5.17
N LEU A 396 -16.60 -17.56 5.33
CA LEU A 396 -17.67 -17.64 6.31
C LEU A 396 -18.96 -18.17 5.68
N ASP A 397 -19.80 -18.79 6.50
CA ASP A 397 -21.17 -19.11 6.11
C ASP A 397 -22.13 -18.35 7.03
N ARG A 398 -21.60 -17.36 7.73
CA ARG A 398 -22.40 -16.42 8.50
C ARG A 398 -22.27 -15.06 7.83
N VAL A 399 -23.25 -14.19 8.05
CA VAL A 399 -23.17 -12.84 7.52
C VAL A 399 -22.37 -12.00 8.52
N LEU A 400 -21.35 -11.32 8.01
CA LEU A 400 -20.49 -10.49 8.84
C LEU A 400 -21.28 -9.31 9.40
N TRP A 401 -20.97 -8.91 10.63
CA TRP A 401 -21.61 -7.73 11.19
C TRP A 401 -21.31 -6.50 10.34
C1 NAG B . 1.52 12.65 -29.21
C2 NAG B . 0.47 13.27 -30.06
C3 NAG B . 0.56 14.80 -29.98
C4 NAG B . 0.83 15.19 -28.52
C5 NAG B . 2.24 14.78 -28.20
C6 NAG B . 2.43 14.49 -26.71
C7 NAG B . -0.31 12.07 -32.11
C8 NAG B . -0.03 11.63 -33.51
N2 NAG B . 0.68 12.83 -31.40
O3 NAG B . -0.63 15.37 -30.40
O4 NAG B . 0.63 16.58 -28.43
O5 NAG B . 2.59 13.61 -28.91
O6 NAG B . 3.31 15.46 -26.15
O7 NAG B . -1.38 11.77 -31.60
H1 NAG B . 1.92 11.85 -29.68
H2 NAG B . -0.41 12.97 -29.76
H3 NAG B . 1.31 15.13 -30.55
H4 NAG B . 0.21 14.73 -27.95
H5 NAG B . 2.86 15.51 -28.46
H61 NAG B . 1.55 14.55 -26.25
H62 NAG B . 2.81 13.58 -26.59
H81 NAG B . 0.80 11.14 -33.53
H82 NAG B . 0.04 12.41 -34.09
H83 NAG B . -0.77 11.05 -33.83
HN2 NAG B . 1.46 13.04 -31.80
HO3 NAG B . -0.57 15.59 -31.28
HO6 NAG B . 4.12 15.36 -26.51
C1 NAG B . 0.12 17.11 -27.17
C2 NAG B . -1.11 16.44 -26.69
C3 NAG B . -1.63 17.20 -25.44
C4 NAG B . -0.54 17.48 -24.40
C5 NAG B . 0.76 17.92 -25.03
C6 NAG B . 1.86 17.89 -23.99
C7 NAG B . -3.30 15.67 -27.59
C8 NAG B . -4.33 15.72 -28.67
N2 NAG B . -2.11 16.48 -27.69
O3 NAG B . -2.63 16.43 -24.83
O4 NAG B . -1.00 18.49 -23.53
O5 NAG B . 1.09 17.06 -26.11
O6 NAG B . 3.11 18.25 -24.58
O7 NAG B . -3.47 14.95 -26.63
H1 NAG B . -0.10 18.08 -27.33
H2 NAG B . -0.92 15.52 -26.44
H3 NAG B . -2.04 18.08 -25.73
H4 NAG B . -0.38 16.68 -23.90
H5 NAG B . 0.66 18.85 -25.38
H61 NAG B . 1.94 16.97 -23.62
H62 NAG B . 1.64 18.53 -23.25
H81 NAG B . -3.93 15.53 -29.52
H82 NAG B . -4.73 16.61 -28.69
H83 NAG B . -5.04 15.05 -28.48
HN2 NAG B . -1.99 17.02 -28.41
HO3 NAG B . -2.92 16.87 -24.08
HO4 NAG B . -0.37 19.11 -23.45
HO6 NAG B . 3.70 17.59 -24.47
#